data_8D8S
#
_entry.id   8D8S
#
_cell.length_a   93.853
_cell.length_b   93.853
_cell.length_c   101.461
_cell.angle_alpha   90.000
_cell.angle_beta   90.000
_cell.angle_gamma   120.000
#
_symmetry.space_group_name_H-M   'P 32 2 1'
#
loop_
_entity.id
_entity.type
_entity.pdbx_description
1 polymer 'Cysteine desulfurase'
2 non-polymer 1,2-ETHANEDIOL
3 water water
#
_entity_poly.entity_id   1
_entity_poly.type   'polypeptide(L)'
_entity_poly.pdbx_seq_one_letter_code
;SHMASAEHSFDVNEVIKDFPILDQKVNGKRLAYLDSTATSQTPVQVLNVLEDYYKRYNSNVHRGVHTLGSLATDGYENAR
ETVRRFINAKYFEEIIFTRGTTASINLVAHSYGDANVEEGDEIVVTEMEHHANIVPWQQLAKRKNATLKFIPMTADGELN
IEDIKQTINDKTKIVAIAHISNVLGTINDVKTIAEIAHQHGAIISVDGAQAAPHMKLDMQEMNADFYSFSGH(LLP)MLG
PTGIGVLFGKRELLQKMEPIEFGGDMIDFVSKYDATWADLPTKFEAGTPLIAQAIGLAEAIRYLERIGFDAIHKYEQELT
IYAYEQMSAIEGIEIYGPPKDRRAGVITFNLQDVHPHDVATAVDTEGVAVRAGHHCAQPLMKWLNVSSTARASFYIYNTK
EDVDQLINALKQTKEFFS
;
_entity_poly.pdbx_strand_id   A
#
loop_
_chem_comp.id
_chem_comp.type
_chem_comp.name
_chem_comp.formula
EDO non-polymer 1,2-ETHANEDIOL 'C2 H6 O2'
#
# COMPACT_ATOMS: atom_id res chain seq x y z
N SER A 1 25.17 -13.60 -14.77
CA SER A 1 24.12 -14.50 -14.19
C SER A 1 22.75 -14.21 -14.82
N HIS A 2 21.77 -15.00 -14.41
CA HIS A 2 20.32 -14.79 -14.70
C HIS A 2 19.92 -13.42 -14.14
N MET A 3 20.39 -13.05 -12.96
CA MET A 3 20.01 -11.75 -12.37
C MET A 3 20.67 -10.62 -13.15
N ALA A 4 21.90 -10.72 -13.66
CA ALA A 4 22.54 -9.68 -14.48
C ALA A 4 21.72 -9.45 -15.76
N SER A 5 21.27 -10.54 -16.36
CA SER A 5 20.39 -10.49 -17.55
C SER A 5 19.09 -9.71 -17.22
N ALA A 6 18.49 -10.01 -16.08
CA ALA A 6 17.23 -9.36 -15.66
C ALA A 6 17.47 -7.84 -15.45
N GLU A 7 18.58 -7.51 -14.81
N GLU A 7 18.59 -7.43 -14.88
CA GLU A 7 19.01 -6.13 -14.60
CA GLU A 7 18.92 -5.99 -14.69
C GLU A 7 19.07 -5.42 -15.97
C GLU A 7 19.18 -5.28 -16.03
N HIS A 8 19.83 -5.99 -16.92
CA HIS A 8 20.06 -5.43 -18.25
C HIS A 8 18.75 -5.26 -18.99
N SER A 9 17.87 -6.26 -18.93
CA SER A 9 16.61 -6.22 -19.68
C SER A 9 15.73 -5.07 -19.13
N PHE A 10 15.76 -4.92 -17.82
CA PHE A 10 14.91 -3.89 -17.15
C PHE A 10 15.59 -2.54 -17.27
N ASP A 11 16.85 -2.43 -17.65
CA ASP A 11 17.55 -1.13 -17.76
C ASP A 11 17.60 -0.51 -16.34
N VAL A 12 17.87 -1.33 -15.33
CA VAL A 12 17.75 -0.84 -13.94
C VAL A 12 18.73 0.29 -13.72
N ASN A 13 19.90 0.31 -14.35
CA ASN A 13 20.83 1.41 -14.10
C ASN A 13 20.26 2.74 -14.56
N GLU A 14 19.49 2.77 -15.63
CA GLU A 14 18.84 4.02 -16.08
C GLU A 14 17.72 4.40 -15.11
N VAL A 15 16.94 3.45 -14.62
CA VAL A 15 15.91 3.74 -13.58
C VAL A 15 16.61 4.37 -12.36
N ILE A 16 17.72 3.83 -11.91
CA ILE A 16 18.39 4.33 -10.68
C ILE A 16 18.88 5.76 -10.86
N LYS A 17 19.21 6.19 -12.06
CA LYS A 17 19.68 7.58 -12.30
C LYS A 17 18.55 8.58 -11.95
N ASP A 18 17.29 8.15 -11.94
CA ASP A 18 16.15 9.03 -11.59
C ASP A 18 16.03 9.20 -10.07
N PHE A 19 16.82 8.50 -9.27
CA PHE A 19 16.63 8.47 -7.78
C PHE A 19 17.92 8.96 -7.13
N PRO A 20 18.11 10.30 -7.03
CA PRO A 20 19.37 10.82 -6.48
C PRO A 20 19.67 10.38 -5.04
N ILE A 21 18.61 10.10 -4.28
CA ILE A 21 18.78 9.64 -2.89
C ILE A 21 19.61 8.38 -2.80
N LEU A 22 19.58 7.53 -3.82
CA LEU A 22 20.32 6.26 -3.77
C LEU A 22 21.81 6.50 -3.97
N ASP A 23 22.22 7.65 -4.48
CA ASP A 23 23.65 7.94 -4.79
C ASP A 23 24.26 8.55 -3.57
N GLN A 24 24.40 7.79 -2.52
CA GLN A 24 25.06 8.24 -1.30
C GLN A 24 25.61 7.04 -0.54
N LYS A 25 26.43 7.38 0.43
CA LYS A 25 26.99 6.41 1.37
C LYS A 25 26.38 6.64 2.73
N VAL A 26 26.24 5.53 3.45
N VAL A 26 26.12 5.57 3.47
CA VAL A 26 25.74 5.40 4.84
CA VAL A 26 25.82 5.67 4.91
C VAL A 26 26.81 4.65 5.65
C VAL A 26 26.79 4.75 5.62
N ASN A 27 27.29 5.24 6.74
CA ASN A 27 28.33 4.58 7.55
C ASN A 27 29.56 4.23 6.67
N GLY A 28 29.82 5.06 5.67
CA GLY A 28 30.96 4.85 4.76
C GLY A 28 30.77 3.80 3.71
N LYS A 29 29.59 3.23 3.59
CA LYS A 29 29.30 2.12 2.66
C LYS A 29 28.24 2.60 1.67
N ARG A 30 28.20 2.08 0.46
CA ARG A 30 27.12 2.46 -0.45
C ARG A 30 25.77 2.09 0.19
N LEU A 31 24.80 2.94 -0.07
CA LEU A 31 23.42 2.67 0.41
C LEU A 31 22.81 1.54 -0.42
N ALA A 32 22.30 0.53 0.26
CA ALA A 32 21.42 -0.50 -0.30
C ALA A 32 20.07 -0.36 0.39
N TYR A 33 19.16 0.37 -0.22
CA TYR A 33 17.86 0.70 0.41
C TYR A 33 16.90 -0.45 0.14
N LEU A 34 16.64 -1.27 1.13
CA LEU A 34 15.78 -2.47 1.04
C LEU A 34 14.58 -2.33 1.97
N ASP A 35 14.03 -1.11 2.06
CA ASP A 35 12.89 -0.85 2.96
C ASP A 35 11.75 -0.15 2.21
N SER A 36 11.54 -0.45 0.95
CA SER A 36 10.50 0.20 0.13
C SER A 36 9.11 -0.13 0.64
N THR A 37 8.92 -1.25 1.31
CA THR A 37 7.59 -1.63 1.83
C THR A 37 7.17 -0.58 2.83
N ALA A 38 8.10 -0.03 3.61
CA ALA A 38 7.84 1.06 4.57
C ALA A 38 7.54 2.38 3.87
N THR A 39 8.41 2.77 2.93
CA THR A 39 8.10 3.87 2.00
C THR A 39 9.06 3.76 0.82
N SER A 40 8.59 4.10 -0.34
CA SER A 40 9.42 4.10 -1.54
C SER A 40 10.27 5.35 -1.65
N GLN A 41 11.30 5.26 -2.46
CA GLN A 41 12.02 6.46 -2.87
C GLN A 41 11.33 7.13 -4.06
N THR A 42 11.76 8.35 -4.39
CA THR A 42 10.97 9.29 -5.17
C THR A 42 11.81 9.76 -6.35
N PRO A 43 11.33 9.59 -7.61
CA PRO A 43 12.15 9.96 -8.76
C PRO A 43 12.11 11.45 -9.05
N VAL A 44 13.15 11.91 -9.72
CA VAL A 44 13.23 13.34 -10.06
C VAL A 44 12.05 13.81 -10.87
N GLN A 45 11.43 12.98 -11.67
CA GLN A 45 10.25 13.38 -12.45
C GLN A 45 9.14 13.87 -11.50
N VAL A 46 8.93 13.15 -10.40
CA VAL A 46 7.91 13.55 -9.41
C VAL A 46 8.36 14.83 -8.71
N LEU A 47 9.62 14.91 -8.32
CA LEU A 47 10.10 16.10 -7.63
C LEU A 47 9.98 17.32 -8.57
N ASN A 48 10.26 17.16 -9.85
CA ASN A 48 10.20 18.28 -10.80
C ASN A 48 8.76 18.77 -10.93
N VAL A 49 7.79 17.87 -10.94
CA VAL A 49 6.37 18.27 -11.01
C VAL A 49 5.93 19.01 -9.75
N LEU A 50 6.42 18.60 -8.59
CA LEU A 50 6.11 19.28 -7.31
C LEU A 50 6.74 20.65 -7.35
N GLU A 51 8.01 20.78 -7.76
CA GLU A 51 8.70 22.07 -7.82
C GLU A 51 7.97 23.00 -8.78
N ASP A 52 7.58 22.48 -9.95
CA ASP A 52 6.89 23.29 -10.95
C ASP A 52 5.57 23.79 -10.35
N TYR A 53 4.84 22.96 -9.64
CA TYR A 53 3.56 23.43 -9.04
C TYR A 53 3.82 24.62 -8.16
N TYR A 54 4.78 24.54 -7.24
CA TYR A 54 5.03 25.63 -6.29
C TYR A 54 5.67 26.84 -6.94
N LYS A 55 6.38 26.67 -8.06
CA LYS A 55 7.04 27.80 -8.74
C LYS A 55 6.17 28.39 -9.85
N ARG A 56 5.06 27.79 -10.22
CA ARG A 56 4.33 28.26 -11.38
C ARG A 56 2.83 28.41 -11.12
N TYR A 57 2.12 27.52 -10.43
CA TYR A 57 0.64 27.66 -10.41
C TYR A 57 -0.02 27.28 -9.12
N ASN A 58 0.70 27.24 -8.00
CA ASN A 58 0.04 27.07 -6.70
C ASN A 58 -1.04 28.14 -6.52
N SER A 59 -2.18 27.70 -6.02
CA SER A 59 -3.36 28.49 -5.72
C SER A 59 -4.39 27.52 -5.14
N ASN A 60 -5.41 28.05 -4.48
CA ASN A 60 -6.42 27.10 -4.00
C ASN A 60 -7.30 26.70 -5.19
N VAL A 61 -8.05 25.61 -5.02
CA VAL A 61 -8.79 24.93 -6.13
C VAL A 61 -10.29 25.19 -6.05
N HIS A 62 -10.85 25.57 -7.20
CA HIS A 62 -12.27 25.96 -7.43
C HIS A 62 -12.53 26.18 -8.92
N ARG A 63 -13.52 25.59 -9.42
CA ARG A 63 -13.81 25.74 -10.88
C ARG A 63 -14.11 27.21 -11.18
N GLY A 64 -13.62 27.73 -12.31
CA GLY A 64 -13.90 29.12 -12.71
C GLY A 64 -13.37 30.13 -11.71
N VAL A 65 -12.06 30.38 -11.73
CA VAL A 65 -11.45 31.39 -10.81
C VAL A 65 -10.33 32.13 -11.57
N HIS A 66 -9.42 32.87 -10.81
CA HIS A 66 -8.30 33.56 -11.50
C HIS A 66 -7.40 32.53 -12.16
N THR A 67 -6.42 32.97 -12.91
CA THR A 67 -5.63 32.12 -13.83
C THR A 67 -4.91 31.04 -13.08
N LEU A 68 -4.15 31.39 -12.02
N LEU A 68 -4.14 31.37 -12.02
CA LEU A 68 -3.40 30.34 -11.33
CA LEU A 68 -3.40 30.30 -11.32
C LEU A 68 -4.37 29.38 -10.65
C LEU A 68 -4.40 29.36 -10.63
N GLY A 69 -5.44 29.90 -10.06
CA GLY A 69 -6.47 29.05 -9.44
C GLY A 69 -7.04 28.05 -10.42
N SER A 70 -7.26 28.45 -11.68
N SER A 70 -7.33 28.51 -11.65
CA SER A 70 -7.87 27.53 -12.67
CA SER A 70 -7.84 27.65 -12.74
C SER A 70 -6.80 26.52 -13.13
C SER A 70 -6.82 26.54 -13.03
N LEU A 71 -5.54 26.90 -13.19
CA LEU A 71 -4.47 25.92 -13.48
C LEU A 71 -4.35 24.91 -12.33
N ALA A 72 -4.38 25.35 -11.07
CA ALA A 72 -4.28 24.43 -9.92
C ALA A 72 -5.48 23.50 -9.95
N THR A 73 -6.67 24.00 -10.24
CA THR A 73 -7.89 23.17 -10.30
C THR A 73 -7.73 22.15 -11.42
N ASP A 74 -7.28 22.56 -12.57
CA ASP A 74 -7.03 21.64 -13.70
C ASP A 74 -6.07 20.57 -13.24
N GLY A 75 -4.97 20.91 -12.59
CA GLY A 75 -3.95 19.92 -12.22
C GLY A 75 -4.54 18.92 -11.24
N TYR A 76 -5.32 19.37 -10.28
CA TYR A 76 -5.96 18.50 -9.28
C TYR A 76 -6.97 17.56 -9.92
N GLU A 77 -7.83 18.10 -10.78
CA GLU A 77 -8.82 17.28 -11.52
C GLU A 77 -8.10 16.31 -12.45
N ASN A 78 -7.08 16.73 -13.15
CA ASN A 78 -6.31 15.82 -14.03
C ASN A 78 -5.72 14.72 -13.17
N ALA A 79 -5.24 15.02 -11.97
CA ALA A 79 -4.63 13.99 -11.13
C ALA A 79 -5.65 12.95 -10.75
N ARG A 80 -6.87 13.35 -10.39
CA ARG A 80 -7.91 12.37 -10.07
C ARG A 80 -8.25 11.51 -11.28
N GLU A 81 -8.28 12.11 -12.47
CA GLU A 81 -8.53 11.32 -13.70
C GLU A 81 -7.40 10.33 -13.92
N THR A 82 -6.17 10.73 -13.70
CA THR A 82 -5.01 9.82 -13.83
C THR A 82 -5.21 8.64 -12.92
N VAL A 83 -5.64 8.86 -11.69
CA VAL A 83 -5.85 7.75 -10.73
C VAL A 83 -6.98 6.87 -11.22
N ARG A 84 -8.06 7.47 -11.65
CA ARG A 84 -9.24 6.71 -12.14
C ARG A 84 -8.77 5.75 -13.25
N ARG A 85 -8.03 6.23 -14.22
CA ARG A 85 -7.54 5.38 -15.34
C ARG A 85 -6.59 4.33 -14.79
N PHE A 86 -5.72 4.68 -13.83
CA PHE A 86 -4.70 3.76 -13.29
C PHE A 86 -5.34 2.52 -12.75
N ILE A 87 -6.47 2.61 -12.08
CA ILE A 87 -7.12 1.43 -11.44
C ILE A 87 -8.38 1.00 -12.21
N ASN A 88 -8.58 1.61 -13.38
CA ASN A 88 -9.78 1.33 -14.21
C ASN A 88 -11.05 1.46 -13.39
N ALA A 89 -11.21 2.50 -12.55
CA ALA A 89 -12.51 2.84 -12.00
C ALA A 89 -13.44 3.37 -13.10
N LYS A 90 -14.71 3.00 -12.98
CA LYS A 90 -15.69 3.43 -14.01
C LYS A 90 -15.82 4.95 -14.03
N TYR A 91 -15.91 5.59 -12.86
CA TYR A 91 -16.25 7.02 -12.77
C TYR A 91 -15.17 7.79 -12.04
N PHE A 92 -14.98 9.02 -12.48
CA PHE A 92 -14.13 10.03 -11.85
C PHE A 92 -14.50 10.14 -10.37
N GLU A 93 -15.78 10.15 -10.06
CA GLU A 93 -16.29 10.46 -8.70
C GLU A 93 -16.18 9.26 -7.74
N GLU A 94 -15.65 8.15 -8.22
CA GLU A 94 -15.35 6.97 -7.36
C GLU A 94 -13.95 7.05 -6.73
N ILE A 95 -13.17 8.04 -7.15
CA ILE A 95 -11.82 8.25 -6.58
C ILE A 95 -11.86 9.37 -5.56
N ILE A 96 -11.51 9.01 -4.34
N ILE A 96 -11.60 9.03 -4.29
CA ILE A 96 -11.46 9.94 -3.17
CA ILE A 96 -11.46 10.03 -3.20
C ILE A 96 -9.97 10.08 -2.82
C ILE A 96 -10.02 10.10 -2.74
N PHE A 97 -9.46 11.32 -2.68
CA PHE A 97 -8.12 11.50 -2.12
C PHE A 97 -8.24 11.59 -0.61
N THR A 98 -7.33 10.88 0.05
CA THR A 98 -7.22 10.84 1.51
C THR A 98 -5.77 11.07 1.90
N ARG A 99 -5.48 10.98 3.20
CA ARG A 99 -4.09 11.05 3.72
C ARG A 99 -3.27 9.80 3.47
N GLY A 100 -3.91 8.72 3.10
CA GLY A 100 -3.17 7.45 3.04
C GLY A 100 -4.12 6.27 3.16
N THR A 101 -3.57 5.09 3.04
CA THR A 101 -4.40 3.85 3.12
C THR A 101 -5.09 3.82 4.48
N THR A 102 -4.40 4.16 5.54
CA THR A 102 -5.00 4.13 6.89
C THR A 102 -6.21 5.05 6.91
N ALA A 103 -6.12 6.29 6.45
CA ALA A 103 -7.27 7.19 6.44
C ALA A 103 -8.39 6.62 5.56
N SER A 104 -8.08 6.05 4.41
CA SER A 104 -9.08 5.43 3.51
C SER A 104 -9.85 4.37 4.26
N ILE A 105 -9.16 3.41 4.88
CA ILE A 105 -9.87 2.27 5.51
C ILE A 105 -10.68 2.84 6.66
N ASN A 106 -10.19 3.79 7.41
CA ASN A 106 -10.94 4.38 8.54
C ASN A 106 -12.20 5.06 8.02
N LEU A 107 -12.16 5.72 6.86
CA LEU A 107 -13.37 6.34 6.30
C LEU A 107 -14.38 5.23 6.00
N VAL A 108 -13.99 4.11 5.39
CA VAL A 108 -14.95 3.01 5.12
C VAL A 108 -15.52 2.55 6.44
N ALA A 109 -14.70 2.24 7.41
CA ALA A 109 -15.15 1.62 8.67
C ALA A 109 -16.10 2.55 9.41
N HIS A 110 -15.88 3.84 9.46
CA HIS A 110 -16.80 4.80 10.12
C HIS A 110 -18.04 4.99 9.24
N SER A 111 -17.91 5.42 8.01
CA SER A 111 -19.04 5.95 7.20
C SER A 111 -19.84 4.76 6.70
N TYR A 112 -19.24 3.81 6.01
CA TYR A 112 -19.97 2.61 5.54
C TYR A 112 -20.30 1.76 6.74
N GLY A 113 -19.37 1.48 7.63
CA GLY A 113 -19.55 0.51 8.71
C GLY A 113 -20.69 0.93 9.61
N ASP A 114 -20.77 2.18 10.08
CA ASP A 114 -21.77 2.56 11.08
C ASP A 114 -23.17 2.45 10.45
N ALA A 115 -23.30 2.61 9.14
CA ALA A 115 -24.62 2.63 8.48
C ALA A 115 -25.05 1.22 8.08
N ASN A 116 -24.19 0.20 8.23
CA ASN A 116 -24.48 -1.10 7.58
C ASN A 116 -24.19 -2.29 8.48
N VAL A 117 -23.74 -2.04 9.67
CA VAL A 117 -23.38 -3.10 10.65
C VAL A 117 -24.20 -2.86 11.90
N GLU A 118 -24.85 -3.93 12.37
CA GLU A 118 -25.66 -3.92 13.61
C GLU A 118 -25.30 -5.15 14.43
N GLU A 119 -25.89 -5.21 15.61
CA GLU A 119 -25.62 -6.28 16.58
C GLU A 119 -25.85 -7.63 15.91
N GLY A 120 -24.91 -8.57 16.07
CA GLY A 120 -25.00 -9.91 15.47
C GLY A 120 -24.48 -10.03 14.05
N ASP A 121 -24.16 -8.91 13.40
CA ASP A 121 -23.49 -9.00 12.09
C ASP A 121 -22.00 -9.37 12.31
N GLU A 122 -21.44 -9.87 11.23
CA GLU A 122 -20.04 -10.36 11.26
C GLU A 122 -19.22 -9.51 10.30
N ILE A 123 -17.99 -9.27 10.74
CA ILE A 123 -16.93 -8.63 9.91
C ILE A 123 -15.77 -9.62 9.82
N VAL A 124 -15.39 -9.97 8.62
CA VAL A 124 -14.31 -10.95 8.38
C VAL A 124 -12.99 -10.20 8.10
N VAL A 125 -11.95 -10.60 8.84
CA VAL A 125 -10.55 -10.07 8.66
C VAL A 125 -9.62 -11.25 8.62
N THR A 126 -8.32 -11.03 8.67
CA THR A 126 -7.31 -12.10 8.76
C THR A 126 -6.22 -11.69 9.73
N GLU A 127 -5.48 -12.66 10.23
CA GLU A 127 -4.36 -12.37 11.14
C GLU A 127 -3.17 -11.83 10.38
N MET A 128 -3.13 -11.82 9.05
CA MET A 128 -1.98 -11.16 8.34
C MET A 128 -2.25 -9.65 8.18
N GLU A 129 -3.35 -9.12 8.62
CA GLU A 129 -3.64 -7.69 8.31
C GLU A 129 -2.67 -6.76 9.07
N HIS A 130 -2.31 -5.69 8.39
CA HIS A 130 -1.70 -4.51 9.04
C HIS A 130 -2.67 -3.96 10.06
N HIS A 131 -2.20 -3.29 11.09
CA HIS A 131 -3.05 -2.60 12.11
C HIS A 131 -4.12 -1.72 11.45
N ALA A 132 -3.79 -1.06 10.36
CA ALA A 132 -4.72 -0.14 9.68
C ALA A 132 -5.92 -0.92 9.18
N ASN A 133 -5.79 -2.23 8.91
CA ASN A 133 -6.90 -3.08 8.40
C ASN A 133 -7.36 -4.06 9.44
N ILE A 134 -7.09 -3.80 10.71
N ILE A 134 -7.22 -3.74 10.71
CA ILE A 134 -7.66 -4.58 11.84
CA ILE A 134 -7.86 -4.56 11.78
C ILE A 134 -8.37 -3.64 12.79
C ILE A 134 -8.40 -3.65 12.90
N VAL A 135 -7.66 -2.66 13.34
CA VAL A 135 -8.18 -1.86 14.47
C VAL A 135 -9.43 -1.09 14.06
N PRO A 136 -9.57 -0.50 12.86
CA PRO A 136 -10.85 0.15 12.52
C PRO A 136 -12.02 -0.84 12.62
N TRP A 137 -11.81 -2.11 12.28
CA TRP A 137 -12.88 -3.15 12.29
C TRP A 137 -13.17 -3.56 13.72
N GLN A 138 -12.13 -3.66 14.56
CA GLN A 138 -12.32 -3.87 16.00
C GLN A 138 -13.22 -2.78 16.57
N GLN A 139 -12.96 -1.51 16.23
CA GLN A 139 -13.71 -0.36 16.76
C GLN A 139 -15.15 -0.38 16.23
N LEU A 140 -15.38 -0.71 14.98
CA LEU A 140 -16.74 -0.82 14.39
C LEU A 140 -17.47 -1.95 15.13
N ALA A 141 -16.81 -3.07 15.35
CA ALA A 141 -17.43 -4.23 16.07
C ALA A 141 -17.83 -3.76 17.44
N LYS A 142 -16.99 -3.04 18.16
CA LYS A 142 -17.31 -2.56 19.52
C LYS A 142 -18.47 -1.56 19.46
N ARG A 143 -18.48 -0.63 18.53
CA ARG A 143 -19.57 0.40 18.47
C ARG A 143 -20.89 -0.32 18.29
N LYS A 144 -20.94 -1.38 17.51
CA LYS A 144 -22.20 -2.00 17.03
C LYS A 144 -22.51 -3.31 17.75
N ASN A 145 -21.65 -3.78 18.66
CA ASN A 145 -21.76 -5.15 19.25
C ASN A 145 -21.83 -6.17 18.12
N ALA A 146 -21.01 -6.04 17.09
CA ALA A 146 -20.86 -7.01 15.99
C ALA A 146 -19.66 -7.90 16.33
N THR A 147 -19.50 -8.92 15.53
CA THR A 147 -18.49 -9.96 15.80
C THR A 147 -17.42 -9.94 14.73
N LEU A 148 -16.16 -9.94 15.15
CA LEU A 148 -15.02 -10.05 14.22
C LEU A 148 -14.66 -11.53 14.04
N LYS A 149 -14.50 -11.97 12.80
CA LYS A 149 -14.17 -13.35 12.42
C LYS A 149 -12.91 -13.34 11.58
N PHE A 150 -12.04 -14.31 11.81
CA PHE A 150 -10.74 -14.41 11.14
C PHE A 150 -10.73 -15.61 10.21
N ILE A 151 -10.35 -15.44 8.96
CA ILE A 151 -10.19 -16.53 7.99
C ILE A 151 -8.95 -17.31 8.41
N PRO A 152 -9.04 -18.60 8.74
CA PRO A 152 -7.85 -19.39 9.06
C PRO A 152 -6.83 -19.36 7.92
N MET A 153 -5.54 -19.35 8.30
CA MET A 153 -4.42 -19.32 7.35
C MET A 153 -3.72 -20.68 7.30
N THR A 154 -3.20 -20.98 6.14
CA THR A 154 -2.40 -22.20 5.93
C THR A 154 -1.05 -22.04 6.58
N ALA A 155 -0.31 -23.13 6.71
CA ALA A 155 1.01 -23.08 7.36
C ALA A 155 1.94 -22.10 6.66
N ASP A 156 1.77 -21.87 5.37
CA ASP A 156 2.61 -20.94 4.58
C ASP A 156 2.04 -19.53 4.62
N GLY A 157 0.98 -19.28 5.35
CA GLY A 157 0.43 -17.91 5.50
C GLY A 157 -0.43 -17.54 4.32
N GLU A 158 -1.15 -18.48 3.73
CA GLU A 158 -2.09 -18.21 2.60
C GLU A 158 -3.50 -18.57 3.06
N LEU A 159 -4.47 -18.25 2.20
CA LEU A 159 -5.91 -18.49 2.48
C LEU A 159 -6.43 -19.55 1.51
N ASN A 160 -6.71 -20.70 2.09
CA ASN A 160 -7.36 -21.82 1.37
C ASN A 160 -8.81 -21.41 1.05
N ILE A 161 -9.22 -21.74 -0.17
CA ILE A 161 -10.61 -21.47 -0.64
C ILE A 161 -11.62 -22.06 0.33
N GLU A 162 -11.39 -23.27 0.89
CA GLU A 162 -12.41 -23.83 1.79
C GLU A 162 -12.49 -23.05 3.10
N ASP A 163 -11.38 -22.48 3.61
CA ASP A 163 -11.38 -21.64 4.83
C ASP A 163 -12.10 -20.31 4.52
N ILE A 164 -11.89 -19.79 3.34
CA ILE A 164 -12.58 -18.54 2.91
C ILE A 164 -14.10 -18.78 2.91
N LYS A 165 -14.53 -19.86 2.24
CA LYS A 165 -15.98 -20.20 2.15
C LYS A 165 -16.58 -20.54 3.52
N GLN A 166 -15.85 -21.16 4.43
CA GLN A 166 -16.38 -21.50 5.77
C GLN A 166 -16.51 -20.27 6.64
N THR A 167 -15.70 -19.21 6.46
CA THR A 167 -15.69 -18.09 7.41
C THR A 167 -16.74 -17.05 6.98
N ILE A 168 -16.93 -16.88 5.70
CA ILE A 168 -17.92 -15.92 5.15
C ILE A 168 -19.28 -16.66 5.20
N ASN A 169 -20.30 -16.00 5.72
CA ASN A 169 -21.66 -16.60 5.78
C ASN A 169 -22.69 -15.50 5.60
N ASP A 170 -23.97 -15.84 5.73
CA ASP A 170 -25.05 -14.87 5.47
C ASP A 170 -25.14 -13.81 6.57
N LYS A 171 -24.42 -13.95 7.69
CA LYS A 171 -24.31 -12.91 8.72
C LYS A 171 -23.20 -11.89 8.37
N THR A 172 -22.34 -12.25 7.43
CA THR A 172 -21.17 -11.38 7.13
C THR A 172 -21.70 -10.11 6.45
N LYS A 173 -21.27 -8.93 6.90
CA LYS A 173 -21.62 -7.66 6.23
C LYS A 173 -20.41 -7.09 5.46
N ILE A 174 -19.21 -7.34 6.00
CA ILE A 174 -17.96 -6.71 5.48
C ILE A 174 -16.86 -7.77 5.55
N VAL A 175 -16.19 -7.92 4.45
CA VAL A 175 -14.90 -8.66 4.41
C VAL A 175 -13.81 -7.62 4.15
N ALA A 176 -12.87 -7.57 5.05
CA ALA A 176 -11.76 -6.58 4.95
C ALA A 176 -10.45 -7.34 4.89
N ILE A 177 -9.71 -7.18 3.81
CA ILE A 177 -8.60 -8.10 3.54
C ILE A 177 -7.50 -7.38 2.80
N ALA A 178 -6.28 -7.80 3.05
CA ALA A 178 -5.10 -7.33 2.31
C ALA A 178 -5.14 -7.88 0.92
N HIS A 179 -4.79 -7.14 -0.09
CA HIS A 179 -4.49 -7.70 -1.41
C HIS A 179 -3.14 -8.44 -1.35
N ILE A 180 -2.13 -7.79 -0.79
CA ILE A 180 -0.79 -8.36 -0.59
C ILE A 180 -0.34 -8.09 0.83
N SER A 181 0.21 -9.10 1.51
CA SER A 181 0.77 -8.96 2.87
C SER A 181 2.10 -8.21 2.82
N ASN A 182 2.20 -7.21 3.69
CA ASN A 182 3.42 -6.41 3.93
C ASN A 182 4.53 -7.19 4.59
N VAL A 183 4.26 -8.40 5.01
CA VAL A 183 5.21 -9.23 5.79
C VAL A 183 5.49 -10.55 5.11
N LEU A 184 4.43 -11.30 4.85
CA LEU A 184 4.58 -12.65 4.28
C LEU A 184 4.84 -12.59 2.77
N GLY A 185 4.39 -11.55 2.08
CA GLY A 185 4.42 -11.53 0.61
C GLY A 185 3.27 -12.29 -0.03
N THR A 186 2.39 -12.87 0.74
CA THR A 186 1.18 -13.57 0.22
C THR A 186 0.38 -12.64 -0.66
N ILE A 187 -0.06 -13.15 -1.78
CA ILE A 187 -0.96 -12.41 -2.69
C ILE A 187 -2.31 -13.06 -2.57
N ASN A 188 -3.25 -12.41 -1.96
CA ASN A 188 -4.62 -12.97 -1.75
C ASN A 188 -5.38 -12.86 -3.06
N ASP A 189 -6.30 -13.82 -3.27
CA ASP A 189 -7.16 -13.85 -4.47
C ASP A 189 -8.41 -13.01 -4.19
N VAL A 190 -8.24 -11.69 -4.16
CA VAL A 190 -9.32 -10.75 -3.79
C VAL A 190 -10.50 -10.86 -4.80
N LYS A 191 -10.25 -11.19 -6.06
CA LYS A 191 -11.38 -11.32 -7.04
C LYS A 191 -12.29 -12.44 -6.56
N THR A 192 -11.71 -13.58 -6.22
CA THR A 192 -12.53 -14.72 -5.74
C THR A 192 -13.15 -14.42 -4.40
N ILE A 193 -12.41 -13.79 -3.47
CA ILE A 193 -12.98 -13.48 -2.15
C ILE A 193 -14.17 -12.52 -2.30
N ALA A 194 -14.05 -11.56 -3.20
CA ALA A 194 -15.15 -10.61 -3.50
C ALA A 194 -16.40 -11.41 -3.94
N GLU A 195 -16.18 -12.37 -4.82
CA GLU A 195 -17.34 -13.18 -5.33
C GLU A 195 -17.99 -13.84 -4.13
N ILE A 196 -17.24 -14.46 -3.23
CA ILE A 196 -17.83 -15.18 -2.06
C ILE A 196 -18.52 -14.20 -1.13
N ALA A 197 -17.92 -13.04 -0.89
CA ALA A 197 -18.60 -12.01 -0.11
C ALA A 197 -19.98 -11.70 -0.70
N HIS A 198 -19.96 -11.37 -1.97
CA HIS A 198 -21.17 -10.92 -2.71
C HIS A 198 -22.25 -12.03 -2.69
N GLN A 199 -21.84 -13.28 -2.76
CA GLN A 199 -22.83 -14.42 -2.70
C GLN A 199 -23.58 -14.37 -1.36
N HIS A 200 -22.97 -13.90 -0.29
CA HIS A 200 -23.53 -13.87 1.06
C HIS A 200 -24.14 -12.52 1.41
N GLY A 201 -24.15 -11.59 0.46
CA GLY A 201 -24.69 -10.23 0.63
C GLY A 201 -23.80 -9.31 1.48
N ALA A 202 -22.49 -9.59 1.47
CA ALA A 202 -21.47 -8.73 2.11
C ALA A 202 -20.81 -7.87 1.03
N ILE A 203 -20.04 -6.88 1.52
CA ILE A 203 -19.15 -6.10 0.64
C ILE A 203 -17.70 -6.44 1.04
N ILE A 204 -16.80 -6.09 0.15
CA ILE A 204 -15.33 -6.31 0.37
C ILE A 204 -14.60 -4.96 0.34
N SER A 205 -13.82 -4.73 1.36
CA SER A 205 -12.92 -3.54 1.47
C SER A 205 -11.50 -4.11 1.37
N VAL A 206 -10.76 -3.72 0.35
CA VAL A 206 -9.42 -4.28 0.12
C VAL A 206 -8.36 -3.26 0.55
N ASP A 207 -7.39 -3.73 1.31
CA ASP A 207 -6.15 -2.96 1.68
C ASP A 207 -5.18 -3.24 0.54
N GLY A 208 -5.01 -2.31 -0.39
CA GLY A 208 -4.14 -2.50 -1.53
C GLY A 208 -2.83 -1.73 -1.47
N ALA A 209 -2.41 -1.39 -0.25
CA ALA A 209 -1.19 -0.55 -0.10
C ALA A 209 0.02 -1.24 -0.70
N GLN A 210 0.14 -2.58 -0.60
CA GLN A 210 1.31 -3.28 -1.12
C GLN A 210 1.06 -3.83 -2.52
N ALA A 211 -0.10 -3.60 -3.12
CA ALA A 211 -0.39 -4.06 -4.50
C ALA A 211 -0.31 -2.93 -5.52
N ALA A 212 -0.87 -1.74 -5.21
CA ALA A 212 -0.87 -0.63 -6.15
C ALA A 212 0.49 -0.23 -6.70
N PRO A 213 1.58 -0.32 -5.90
CA PRO A 213 2.91 0.01 -6.43
C PRO A 213 3.53 -0.99 -7.39
N HIS A 214 2.97 -2.20 -7.43
CA HIS A 214 3.71 -3.38 -7.96
C HIS A 214 2.95 -4.12 -9.07
N MET A 215 1.65 -3.97 -9.21
CA MET A 215 0.89 -4.82 -10.19
C MET A 215 -0.25 -3.98 -10.77
N LYS A 216 -0.71 -4.36 -11.95
CA LYS A 216 -1.86 -3.69 -12.57
C LYS A 216 -3.13 -4.02 -11.78
N LEU A 217 -3.93 -3.00 -11.51
CA LEU A 217 -5.22 -3.11 -10.82
C LEU A 217 -6.34 -2.69 -11.77
N ASP A 218 -7.44 -3.44 -11.64
CA ASP A 218 -8.64 -3.20 -12.46
C ASP A 218 -9.83 -3.37 -11.55
N MET A 219 -10.44 -2.27 -11.08
CA MET A 219 -11.52 -2.32 -10.11
C MET A 219 -12.75 -3.05 -10.71
N GLN A 220 -12.95 -2.88 -11.99
CA GLN A 220 -14.18 -3.43 -12.62
C GLN A 220 -14.03 -4.93 -12.71
N GLU A 221 -12.85 -5.39 -13.13
N GLU A 221 -12.88 -5.43 -13.15
CA GLU A 221 -12.49 -6.84 -13.26
CA GLU A 221 -12.65 -6.90 -13.15
C GLU A 221 -12.45 -7.52 -11.87
C GLU A 221 -12.72 -7.46 -11.72
N MET A 222 -11.99 -6.84 -10.80
CA MET A 222 -11.94 -7.37 -9.44
C MET A 222 -13.32 -7.38 -8.79
N ASN A 223 -14.10 -6.36 -9.09
CA ASN A 223 -15.40 -6.09 -8.48
C ASN A 223 -15.32 -5.85 -6.97
N ALA A 224 -14.25 -5.11 -6.55
CA ALA A 224 -14.13 -4.67 -5.16
C ALA A 224 -15.16 -3.56 -4.87
N ASP A 225 -15.66 -3.54 -3.67
CA ASP A 225 -16.57 -2.46 -3.19
C ASP A 225 -15.76 -1.21 -2.80
N PHE A 226 -14.66 -1.45 -2.09
CA PHE A 226 -13.71 -0.38 -1.67
C PHE A 226 -12.33 -0.90 -1.87
N TYR A 227 -11.44 0.02 -2.21
CA TYR A 227 -10.04 -0.35 -2.42
C TYR A 227 -9.19 0.86 -2.01
N SER A 228 -8.19 0.62 -1.18
CA SER A 228 -7.42 1.70 -0.52
C SER A 228 -5.92 1.54 -0.80
N PHE A 229 -5.19 2.64 -1.03
CA PHE A 229 -3.73 2.56 -1.18
C PHE A 229 -3.10 3.91 -0.88
N SER A 230 -1.77 3.89 -0.82
CA SER A 230 -0.96 5.05 -0.38
C SER A 230 0.02 5.48 -1.46
N GLY A 231 0.13 6.78 -1.69
CA GLY A 231 1.05 7.30 -2.69
C GLY A 231 2.53 7.14 -2.38
N HIS A 232 2.92 7.22 -1.11
CA HIS A 232 4.35 7.24 -0.76
C HIS A 232 4.98 5.90 -0.97
N1 LLP A 233 -1.68 -1.57 4.92
C2 LLP A 233 -0.56 -2.09 4.43
C2' LLP A 233 -0.55 -3.51 3.98
C3 LLP A 233 0.61 -1.30 4.39
O3 LLP A 233 1.74 -1.87 3.91
C4 LLP A 233 0.56 0.03 4.81
C4' LLP A 233 1.80 0.80 4.73
C5 LLP A 233 -0.63 0.52 5.34
C6 LLP A 233 -1.74 -0.30 5.32
C5' LLP A 233 -0.81 1.93 5.87
OP4 LLP A 233 -0.39 3.03 4.99
P LLP A 233 -0.24 4.66 5.46
OP1 LLP A 233 -1.61 4.44 5.70
OP2 LLP A 233 0.31 4.97 4.14
OP3 LLP A 233 0.76 4.30 6.51
N LLP A 233 4.18 4.85 -1.10
CA LLP A 233 4.71 3.51 -1.37
CB LLP A 233 3.77 2.45 -0.79
CG LLP A 233 3.88 2.47 0.76
CD LLP A 233 3.00 1.52 1.53
CE LLP A 233 3.18 1.70 3.03
NZ LLP A 233 2.65 0.58 3.79
C LLP A 233 4.88 3.21 -2.87
O LLP A 233 5.53 2.22 -3.25
N MET A 234 4.39 4.18 -3.74
CA MET A 234 4.38 3.98 -5.21
C MET A 234 5.00 5.20 -5.89
N LEU A 235 6.14 5.67 -5.35
CA LEU A 235 7.00 6.73 -5.94
C LEU A 235 6.41 8.12 -5.72
N GLY A 236 5.31 8.26 -4.95
CA GLY A 236 4.69 9.56 -4.84
C GLY A 236 5.11 10.27 -3.55
N PRO A 237 4.59 11.49 -3.37
CA PRO A 237 4.85 12.28 -2.17
C PRO A 237 4.24 11.64 -0.93
N THR A 238 4.74 12.01 0.21
CA THR A 238 4.10 11.70 1.50
C THR A 238 2.77 12.44 1.61
N GLY A 239 1.90 11.90 2.44
CA GLY A 239 0.70 12.59 2.87
C GLY A 239 -0.51 12.35 2.02
N ILE A 240 -0.49 11.43 1.06
CA ILE A 240 -1.63 11.21 0.16
C ILE A 240 -1.87 9.73 -0.08
N GLY A 241 -3.16 9.45 -0.11
CA GLY A 241 -3.66 8.14 -0.52
C GLY A 241 -4.94 8.26 -1.29
N VAL A 242 -5.48 7.09 -1.58
CA VAL A 242 -6.71 6.96 -2.38
C VAL A 242 -7.67 6.03 -1.71
N LEU A 243 -8.94 6.39 -1.77
CA LEU A 243 -10.02 5.42 -1.51
C LEU A 243 -10.81 5.36 -2.81
N PHE A 244 -10.90 4.17 -3.38
CA PHE A 244 -11.89 3.84 -4.42
C PHE A 244 -13.11 3.25 -3.73
N GLY A 245 -14.26 3.72 -4.15
CA GLY A 245 -15.52 3.07 -3.73
C GLY A 245 -16.49 3.05 -4.86
N LYS A 246 -17.31 1.98 -4.92
CA LYS A 246 -18.39 2.01 -5.94
C LYS A 246 -19.30 3.21 -5.70
N ARG A 247 -19.65 3.86 -6.83
CA ARG A 247 -20.45 5.10 -6.76
C ARG A 247 -21.75 4.91 -5.97
N GLU A 248 -22.43 3.78 -6.20
CA GLU A 248 -23.73 3.48 -5.55
C GLU A 248 -23.54 3.51 -4.04
N LEU A 249 -22.37 3.00 -3.55
CA LEU A 249 -22.12 2.94 -2.11
C LEU A 249 -21.75 4.33 -1.55
N LEU A 250 -20.82 4.99 -2.24
CA LEU A 250 -20.35 6.32 -1.79
C LEU A 250 -21.50 7.33 -1.78
N GLN A 251 -22.45 7.17 -2.71
CA GLN A 251 -23.59 8.12 -2.74
C GLN A 251 -24.39 8.05 -1.45
N LYS A 252 -24.60 6.86 -0.88
CA LYS A 252 -25.41 6.65 0.33
C LYS A 252 -24.64 6.93 1.62
N MET A 253 -23.30 6.81 1.58
CA MET A 253 -22.45 7.04 2.75
C MET A 253 -22.45 8.53 3.14
N GLU A 254 -22.41 8.80 4.41
CA GLU A 254 -22.35 10.16 4.96
C GLU A 254 -20.90 10.60 5.16
N PRO A 255 -20.55 11.87 4.90
CA PRO A 255 -19.23 12.37 5.27
C PRO A 255 -19.06 12.32 6.79
N ILE A 256 -17.81 12.32 7.23
CA ILE A 256 -17.43 12.33 8.67
C ILE A 256 -16.51 13.48 9.05
N GLU A 257 -16.22 14.36 8.10
N GLU A 257 -16.24 14.38 8.10
CA GLU A 257 -15.41 15.57 8.32
CA GLU A 257 -15.42 15.58 8.34
C GLU A 257 -16.13 16.70 7.61
C GLU A 257 -16.10 16.72 7.60
N PHE A 258 -16.29 17.81 8.30
CA PHE A 258 -17.18 18.89 7.83
C PHE A 258 -16.44 20.21 7.70
N GLY A 259 -16.75 20.88 6.59
CA GLY A 259 -16.16 22.20 6.38
C GLY A 259 -16.33 22.63 4.99
N GLY A 260 -15.37 23.44 4.55
CA GLY A 260 -15.42 23.98 3.21
C GLY A 260 -15.22 22.90 2.20
N ASP A 261 -15.80 23.11 1.06
CA ASP A 261 -15.58 22.33 -0.19
C ASP A 261 -16.55 21.14 -0.19
N MET A 262 -16.64 20.42 0.93
CA MET A 262 -17.52 19.25 1.03
C MET A 262 -18.99 19.70 1.20
N ILE A 263 -19.27 21.00 1.41
CA ILE A 263 -20.67 21.49 1.59
C ILE A 263 -21.14 22.06 0.25
N ASP A 264 -22.44 22.15 0.16
CA ASP A 264 -23.09 22.91 -0.94
C ASP A 264 -23.62 24.20 -0.33
N PHE A 265 -24.43 24.08 0.68
CA PHE A 265 -25.03 25.25 1.38
C PHE A 265 -24.91 25.08 2.89
N VAL A 266 -24.70 26.21 3.55
CA VAL A 266 -24.58 26.26 5.03
C VAL A 266 -25.45 27.41 5.49
N SER A 267 -26.33 27.12 6.45
CA SER A 267 -27.04 28.14 7.24
C SER A 267 -26.55 28.09 8.68
N LYS A 268 -27.13 28.84 9.59
CA LYS A 268 -26.62 28.92 10.97
C LYS A 268 -26.67 27.53 11.60
N TYR A 269 -27.71 26.76 11.34
CA TYR A 269 -27.92 25.50 12.07
C TYR A 269 -27.81 24.26 11.20
N ASP A 270 -27.75 24.36 9.88
CA ASP A 270 -27.81 23.21 8.97
C ASP A 270 -26.83 23.37 7.82
N ALA A 271 -26.59 22.26 7.14
CA ALA A 271 -25.71 22.25 5.96
C ALA A 271 -26.16 21.13 5.04
N THR A 272 -25.84 21.27 3.77
CA THR A 272 -26.00 20.22 2.76
C THR A 272 -24.63 19.89 2.19
N TRP A 273 -24.52 18.69 1.65
CA TRP A 273 -23.23 18.23 1.12
C TRP A 273 -23.06 18.38 -0.37
N ALA A 274 -21.84 18.58 -0.80
CA ALA A 274 -21.42 18.53 -2.20
C ALA A 274 -21.64 17.14 -2.79
N ASP A 275 -21.63 17.10 -4.09
CA ASP A 275 -21.65 15.84 -4.88
C ASP A 275 -20.35 15.07 -4.58
N LEU A 276 -20.36 13.81 -4.95
CA LEU A 276 -19.10 13.03 -5.03
C LEU A 276 -18.21 13.71 -6.05
N PRO A 277 -16.86 13.61 -5.93
CA PRO A 277 -16.19 12.99 -4.78
C PRO A 277 -15.94 13.94 -3.60
N THR A 278 -16.18 15.22 -3.82
N THR A 278 -16.17 15.22 -3.81
CA THR A 278 -15.78 16.32 -2.89
CA THR A 278 -15.73 16.30 -2.88
C THR A 278 -16.55 16.20 -1.58
C THR A 278 -16.54 16.20 -1.59
N LYS A 279 -17.70 15.50 -1.57
CA LYS A 279 -18.42 15.24 -0.32
C LYS A 279 -17.45 14.72 0.75
N PHE A 280 -16.49 13.89 0.34
CA PHE A 280 -15.56 13.25 1.30
C PHE A 280 -14.23 14.00 1.41
N GLU A 281 -14.11 15.21 0.88
CA GLU A 281 -12.82 15.93 0.85
C GLU A 281 -13.05 17.29 1.52
N ALA A 282 -13.01 17.33 2.82
CA ALA A 282 -13.20 18.58 3.56
C ALA A 282 -11.92 19.41 3.56
N GLY A 283 -12.09 20.71 3.55
CA GLY A 283 -10.93 21.62 3.64
C GLY A 283 -10.18 21.74 2.34
N THR A 284 -9.06 22.37 2.39
CA THR A 284 -8.19 22.59 1.23
C THR A 284 -7.61 21.24 0.86
N PRO A 285 -7.63 20.87 -0.44
CA PRO A 285 -7.10 19.56 -0.81
C PRO A 285 -5.59 19.40 -0.62
N LEU A 286 -5.17 18.15 -0.80
CA LEU A 286 -3.77 17.74 -0.90
C LEU A 286 -3.29 18.10 -2.31
N ILE A 287 -3.22 19.37 -2.68
CA ILE A 287 -3.17 19.77 -4.10
C ILE A 287 -1.83 19.35 -4.68
N ALA A 288 -0.72 19.77 -4.10
CA ALA A 288 0.61 19.42 -4.63
C ALA A 288 0.80 17.90 -4.64
N GLN A 289 0.33 17.25 -3.60
CA GLN A 289 0.56 15.81 -3.45
C GLN A 289 -0.20 15.02 -4.51
N ALA A 290 -1.41 15.42 -4.85
CA ALA A 290 -2.20 14.75 -5.91
C ALA A 290 -1.49 14.90 -7.24
N ILE A 291 -1.01 16.10 -7.53
CA ILE A 291 -0.28 16.38 -8.79
C ILE A 291 0.98 15.53 -8.80
N GLY A 292 1.70 15.44 -7.71
CA GLY A 292 2.90 14.57 -7.70
C GLY A 292 2.52 13.12 -7.87
N LEU A 293 1.46 12.64 -7.22
CA LEU A 293 1.07 11.23 -7.33
C LEU A 293 0.70 10.90 -8.77
N ALA A 294 0.12 11.80 -9.51
CA ALA A 294 -0.24 11.52 -10.92
C ALA A 294 1.07 11.32 -11.71
N GLU A 295 2.09 12.06 -11.40
CA GLU A 295 3.38 11.92 -12.10
C GLU A 295 3.98 10.57 -11.72
N ALA A 296 3.89 10.14 -10.48
CA ALA A 296 4.36 8.82 -10.05
C ALA A 296 3.62 7.75 -10.83
N ILE A 297 2.34 7.86 -11.02
CA ILE A 297 1.56 6.89 -11.83
C ILE A 297 2.12 6.88 -13.25
N ARG A 298 2.36 8.03 -13.84
CA ARG A 298 2.87 8.04 -15.23
C ARG A 298 4.25 7.37 -15.26
N TYR A 299 5.08 7.51 -14.23
CA TYR A 299 6.41 6.87 -14.19
C TYR A 299 6.23 5.36 -14.22
N LEU A 300 5.35 4.79 -13.41
CA LEU A 300 5.13 3.35 -13.35
C LEU A 300 4.55 2.89 -14.68
N GLU A 301 3.60 3.64 -15.25
N GLU A 301 3.60 3.62 -15.27
CA GLU A 301 2.89 3.23 -16.49
CA GLU A 301 2.92 3.09 -16.49
C GLU A 301 3.91 3.19 -17.62
C GLU A 301 3.91 3.19 -17.64
N ARG A 302 4.85 4.12 -17.64
CA ARG A 302 5.85 4.21 -18.72
C ARG A 302 6.71 2.96 -18.73
N ILE A 303 7.04 2.38 -17.58
CA ILE A 303 7.79 1.11 -17.53
C ILE A 303 6.82 -0.01 -17.81
N GLY A 304 5.67 0.00 -17.21
CA GLY A 304 4.62 -0.97 -17.31
C GLY A 304 4.74 -2.06 -16.26
N PHE A 305 3.64 -2.57 -15.78
CA PHE A 305 3.67 -3.57 -14.70
C PHE A 305 4.16 -4.92 -15.20
N ASP A 306 4.08 -5.24 -16.49
CA ASP A 306 4.63 -6.58 -16.88
C ASP A 306 6.15 -6.56 -16.65
N ALA A 307 6.82 -5.51 -17.05
CA ALA A 307 8.27 -5.38 -16.83
C ALA A 307 8.60 -5.28 -15.34
N ILE A 308 7.82 -4.48 -14.60
CA ILE A 308 8.10 -4.36 -13.14
C ILE A 308 7.90 -5.68 -12.44
N HIS A 309 6.81 -6.43 -12.70
CA HIS A 309 6.55 -7.72 -12.08
C HIS A 309 7.67 -8.70 -12.42
N LYS A 310 8.11 -8.73 -13.68
CA LYS A 310 9.17 -9.72 -14.03
C LYS A 310 10.43 -9.38 -13.25
N TYR A 311 10.81 -8.11 -13.20
CA TYR A 311 12.09 -7.72 -12.53
C TYR A 311 12.00 -8.00 -11.04
N GLU A 312 10.90 -7.61 -10.42
CA GLU A 312 10.74 -7.77 -8.97
C GLU A 312 10.77 -9.27 -8.69
N GLN A 313 10.10 -10.10 -9.48
CA GLN A 313 10.09 -11.54 -9.20
C GLN A 313 11.50 -12.11 -9.35
N GLU A 314 12.28 -11.65 -10.32
CA GLU A 314 13.67 -12.18 -10.47
C GLU A 314 14.48 -11.77 -9.24
N LEU A 315 14.37 -10.53 -8.80
CA LEU A 315 15.09 -10.05 -7.59
C LEU A 315 14.69 -10.89 -6.38
N THR A 316 13.40 -11.08 -6.20
CA THR A 316 12.84 -11.76 -5.03
C THR A 316 13.32 -13.21 -4.97
N ILE A 317 13.24 -13.91 -6.09
CA ILE A 317 13.66 -15.33 -6.12
C ILE A 317 15.15 -15.37 -5.83
N TYR A 318 15.95 -14.51 -6.44
CA TYR A 318 17.39 -14.45 -6.20
C TYR A 318 17.69 -14.22 -4.71
N ALA A 319 17.02 -13.23 -4.12
CA ALA A 319 17.25 -12.94 -2.68
C ALA A 319 16.80 -14.10 -1.81
N TYR A 320 15.69 -14.74 -2.14
CA TYR A 320 15.14 -15.85 -1.34
C TYR A 320 16.16 -17.00 -1.35
N GLU A 321 16.65 -17.31 -2.54
CA GLU A 321 17.65 -18.41 -2.69
C GLU A 321 18.93 -18.05 -1.93
N GLN A 322 19.45 -16.83 -2.08
CA GLN A 322 20.73 -16.51 -1.45
C GLN A 322 20.55 -16.49 0.06
N MET A 323 19.43 -15.96 0.58
N MET A 323 19.44 -15.90 0.54
CA MET A 323 19.21 -15.89 2.04
CA MET A 323 19.12 -15.86 1.98
C MET A 323 18.99 -17.30 2.61
C MET A 323 19.07 -17.28 2.53
N SER A 324 18.29 -18.16 1.87
CA SER A 324 18.00 -19.54 2.31
C SER A 324 19.31 -20.32 2.46
N ALA A 325 20.34 -19.98 1.71
CA ALA A 325 21.65 -20.68 1.76
C ALA A 325 22.43 -20.31 3.01
N ILE A 326 22.01 -19.31 3.79
CA ILE A 326 22.72 -18.96 5.04
C ILE A 326 22.14 -19.84 6.13
N GLU A 327 22.97 -20.69 6.73
CA GLU A 327 22.48 -21.54 7.81
C GLU A 327 22.03 -20.65 8.97
N GLY A 328 20.85 -20.91 9.46
CA GLY A 328 20.26 -20.09 10.53
C GLY A 328 19.23 -19.06 10.04
N ILE A 329 19.06 -18.87 8.75
CA ILE A 329 18.01 -17.91 8.28
C ILE A 329 16.71 -18.71 8.17
N GLU A 330 15.65 -18.19 8.77
CA GLU A 330 14.29 -18.67 8.61
C GLU A 330 13.49 -17.60 7.89
N ILE A 331 12.89 -17.94 6.76
CA ILE A 331 12.01 -17.03 6.02
C ILE A 331 10.56 -17.40 6.27
N TYR A 332 9.73 -16.44 6.56
CA TYR A 332 8.29 -16.63 6.85
C TYR A 332 7.46 -16.44 5.59
N GLY A 333 6.45 -17.30 5.42
CA GLY A 333 5.50 -17.14 4.33
C GLY A 333 5.68 -18.12 3.20
N PRO A 334 5.06 -17.82 2.06
CA PRO A 334 4.99 -18.79 0.97
C PRO A 334 6.31 -18.99 0.26
N PRO A 335 6.40 -19.99 -0.64
CA PRO A 335 7.61 -20.24 -1.39
C PRO A 335 8.06 -19.08 -2.26
N LYS A 336 9.29 -19.15 -2.74
CA LYS A 336 9.97 -18.06 -3.44
C LYS A 336 9.18 -17.59 -4.67
N ASP A 337 8.46 -18.50 -5.33
CA ASP A 337 7.76 -18.19 -6.60
C ASP A 337 6.28 -17.88 -6.33
N ARG A 338 5.84 -17.75 -5.07
CA ARG A 338 4.41 -17.46 -4.73
C ARG A 338 4.34 -16.23 -3.79
N ARG A 339 5.20 -15.27 -4.06
CA ARG A 339 5.25 -14.09 -3.16
C ARG A 339 5.58 -12.83 -3.90
N ALA A 340 5.13 -11.72 -3.32
CA ALA A 340 5.55 -10.36 -3.68
C ALA A 340 6.99 -10.10 -3.24
N GLY A 341 7.52 -8.92 -3.52
CA GLY A 341 8.89 -8.49 -3.32
C GLY A 341 9.21 -8.15 -1.88
N VAL A 342 9.00 -9.08 -0.97
CA VAL A 342 9.30 -8.87 0.46
C VAL A 342 9.84 -10.19 0.97
N ILE A 343 10.80 -10.12 1.86
CA ILE A 343 11.32 -11.30 2.60
C ILE A 343 11.44 -10.89 4.06
N THR A 344 10.59 -11.46 4.90
CA THR A 344 10.62 -11.30 6.36
C THR A 344 11.24 -12.55 6.95
N PHE A 345 12.16 -12.37 7.89
CA PHE A 345 13.06 -13.46 8.30
C PHE A 345 13.52 -13.22 9.71
N ASN A 346 14.15 -14.26 10.26
CA ASN A 346 14.98 -14.14 11.48
C ASN A 346 16.26 -14.94 11.24
N LEU A 347 17.29 -14.50 11.95
CA LEU A 347 18.59 -15.18 11.99
C LEU A 347 18.72 -15.87 13.33
N GLN A 348 19.03 -17.15 13.30
CA GLN A 348 19.15 -17.93 14.54
C GLN A 348 20.07 -17.23 15.55
N ASP A 349 19.57 -17.06 16.76
CA ASP A 349 20.36 -16.58 17.92
C ASP A 349 20.77 -15.12 17.78
N VAL A 350 20.19 -14.37 16.83
CA VAL A 350 20.47 -12.93 16.71
C VAL A 350 19.12 -12.21 16.70
N HIS A 351 18.89 -11.34 17.62
CA HIS A 351 17.63 -10.60 17.68
C HIS A 351 17.50 -9.79 16.39
N PRO A 352 16.32 -9.70 15.76
CA PRO A 352 16.18 -8.95 14.52
C PRO A 352 16.53 -7.47 14.67
N HIS A 353 16.36 -6.86 15.83
CA HIS A 353 16.78 -5.44 15.99
C HIS A 353 18.29 -5.37 15.83
N ASP A 354 19.00 -6.36 16.33
CA ASP A 354 20.48 -6.37 16.18
C ASP A 354 20.84 -6.71 14.74
N VAL A 355 20.08 -7.51 14.03
CA VAL A 355 20.31 -7.71 12.58
C VAL A 355 20.18 -6.36 11.88
N ALA A 356 19.12 -5.62 12.10
CA ALA A 356 18.86 -4.37 11.37
C ALA A 356 19.99 -3.39 11.64
N THR A 357 20.40 -3.29 12.91
N THR A 357 20.39 -3.18 12.87
CA THR A 357 21.49 -2.35 13.34
CA THR A 357 21.50 -2.19 13.12
C THR A 357 22.77 -2.71 12.61
C THR A 357 22.78 -2.73 12.48
N ALA A 358 23.06 -4.01 12.60
CA ALA A 358 24.34 -4.53 12.05
C ALA A 358 24.37 -4.34 10.55
N VAL A 359 23.29 -4.61 9.82
CA VAL A 359 23.35 -4.47 8.36
C VAL A 359 23.33 -2.99 8.00
N ASP A 360 22.74 -2.12 8.79
CA ASP A 360 22.84 -0.67 8.50
C ASP A 360 24.29 -0.22 8.56
N THR A 361 25.07 -0.76 9.51
CA THR A 361 26.53 -0.45 9.59
C THR A 361 27.19 -0.86 8.27
N GLU A 362 26.64 -1.81 7.54
CA GLU A 362 27.15 -2.23 6.23
C GLU A 362 26.45 -1.50 5.08
N GLY A 363 25.68 -0.45 5.37
CA GLY A 363 25.00 0.39 4.37
C GLY A 363 23.60 -0.10 3.99
N VAL A 364 23.13 -1.20 4.54
CA VAL A 364 21.87 -1.82 4.11
C VAL A 364 20.71 -1.40 5.00
N ALA A 365 19.67 -0.87 4.39
CA ALA A 365 18.45 -0.45 5.11
C ALA A 365 17.39 -1.56 5.09
N VAL A 366 17.11 -2.16 6.24
CA VAL A 366 16.00 -3.12 6.42
C VAL A 366 15.23 -2.64 7.61
N ARG A 367 14.10 -3.27 7.86
N ARG A 367 14.03 -3.22 7.81
CA ARG A 367 13.34 -2.91 9.06
CA ARG A 367 13.09 -2.93 8.93
C ARG A 367 13.31 -4.11 9.98
C ARG A 367 13.11 -4.09 9.94
N ALA A 368 13.21 -3.83 11.25
CA ALA A 368 12.99 -4.87 12.27
C ALA A 368 11.89 -4.40 13.19
N GLY A 369 11.14 -5.34 13.69
CA GLY A 369 10.03 -5.06 14.61
C GLY A 369 8.84 -5.91 14.24
N HIS A 370 7.65 -5.37 14.49
CA HIS A 370 6.41 -6.12 14.24
C HIS A 370 5.77 -5.72 12.92
N HIS A 371 6.26 -4.69 12.24
CA HIS A 371 5.80 -4.27 10.89
C HIS A 371 4.31 -3.88 10.93
N CYS A 372 3.89 -3.40 12.05
CA CYS A 372 2.48 -2.97 12.23
C CYS A 372 1.57 -4.17 12.05
N ALA A 373 2.02 -5.35 12.42
CA ALA A 373 1.25 -6.61 12.23
C ALA A 373 1.47 -7.47 13.48
N GLN A 374 1.19 -6.93 14.65
CA GLN A 374 1.37 -7.70 15.91
C GLN A 374 0.58 -9.00 15.92
N PRO A 375 -0.67 -9.07 15.46
CA PRO A 375 -1.35 -10.37 15.45
C PRO A 375 -0.64 -11.38 14.55
N LEU A 376 -0.02 -10.96 13.47
CA LEU A 376 0.72 -11.86 12.60
C LEU A 376 1.97 -12.35 13.34
N MET A 377 2.66 -11.46 13.99
CA MET A 377 3.86 -11.89 14.78
C MET A 377 3.43 -12.98 15.78
N LYS A 378 2.33 -12.77 16.49
CA LYS A 378 1.84 -13.78 17.43
C LYS A 378 1.52 -15.08 16.68
N TRP A 379 0.88 -15.01 15.52
CA TRP A 379 0.57 -16.20 14.71
C TRP A 379 1.85 -16.95 14.32
N LEU A 380 2.95 -16.24 14.05
CA LEU A 380 4.28 -16.84 13.76
C LEU A 380 5.00 -17.33 15.04
N ASN A 381 4.49 -17.03 16.20
CA ASN A 381 5.08 -17.29 17.53
C ASN A 381 6.43 -16.60 17.66
N VAL A 382 6.48 -15.34 17.26
CA VAL A 382 7.64 -14.43 17.50
C VAL A 382 7.09 -13.12 18.05
N SER A 383 8.02 -12.27 18.50
CA SER A 383 7.69 -10.86 18.83
C SER A 383 8.03 -9.96 17.63
N SER A 384 9.26 -10.10 17.14
CA SER A 384 9.84 -9.25 16.07
C SER A 384 10.46 -10.12 15.00
N THR A 385 10.61 -9.52 13.82
CA THR A 385 11.28 -10.10 12.64
C THR A 385 12.06 -8.99 11.92
N ALA A 386 12.91 -9.39 11.00
CA ALA A 386 13.59 -8.42 10.11
C ALA A 386 12.94 -8.54 8.76
N ARG A 387 12.97 -7.47 7.97
CA ARG A 387 12.25 -7.49 6.67
C ARG A 387 13.02 -6.70 5.61
N ALA A 388 13.33 -7.35 4.50
CA ALA A 388 13.93 -6.72 3.34
C ALA A 388 12.87 -6.64 2.24
N SER A 389 12.83 -5.59 1.50
CA SER A 389 11.85 -5.46 0.42
C SER A 389 12.52 -4.86 -0.80
N PHE A 390 11.94 -5.13 -1.94
CA PHE A 390 12.57 -4.88 -3.26
C PHE A 390 11.62 -3.95 -4.01
N TYR A 391 12.22 -3.13 -4.81
CA TYR A 391 11.42 -2.38 -5.78
C TYR A 391 12.28 -2.11 -7.02
N ILE A 392 11.83 -1.19 -7.85
CA ILE A 392 12.30 -1.08 -9.25
C ILE A 392 13.71 -0.54 -9.30
N TYR A 393 14.23 0.06 -8.24
CA TYR A 393 15.56 0.68 -8.20
C TYR A 393 16.56 -0.20 -7.44
N ASN A 394 16.18 -1.39 -7.12
CA ASN A 394 17.09 -2.34 -6.44
C ASN A 394 17.80 -3.24 -7.44
N THR A 395 18.94 -3.77 -7.05
CA THR A 395 19.88 -4.54 -7.92
C THR A 395 20.36 -5.80 -7.24
N LYS A 396 21.01 -6.63 -8.06
CA LYS A 396 21.73 -7.81 -7.53
C LYS A 396 22.75 -7.35 -6.46
N GLU A 397 23.47 -6.27 -6.73
CA GLU A 397 24.46 -5.73 -5.77
C GLU A 397 23.80 -5.44 -4.43
N ASP A 398 22.61 -4.83 -4.43
CA ASP A 398 21.90 -4.59 -3.16
C ASP A 398 21.65 -5.88 -2.42
N VAL A 399 21.16 -6.93 -3.11
CA VAL A 399 20.90 -8.22 -2.46
C VAL A 399 22.23 -8.81 -1.98
N ASP A 400 23.27 -8.78 -2.80
CA ASP A 400 24.55 -9.39 -2.38
C ASP A 400 25.11 -8.62 -1.17
N GLN A 401 24.85 -7.32 -1.11
CA GLN A 401 25.32 -6.53 0.03
C GLN A 401 24.59 -6.97 1.29
N LEU A 402 23.29 -7.22 1.22
CA LEU A 402 22.54 -7.74 2.39
C LEU A 402 23.10 -9.12 2.78
N ILE A 403 23.29 -10.01 1.81
CA ILE A 403 23.76 -11.38 2.12
C ILE A 403 25.12 -11.31 2.82
N ASN A 404 26.02 -10.51 2.31
CA ASN A 404 27.38 -10.43 2.93
C ASN A 404 27.21 -9.87 4.32
N ALA A 405 26.36 -8.85 4.50
CA ALA A 405 26.16 -8.22 5.81
C ALA A 405 25.55 -9.23 6.79
N LEU A 406 24.65 -10.09 6.34
CA LEU A 406 24.07 -11.11 7.25
C LEU A 406 25.16 -12.11 7.66
N LYS A 407 26.01 -12.51 6.73
CA LYS A 407 27.10 -13.45 7.07
C LYS A 407 28.00 -12.75 8.07
N GLN A 408 28.35 -11.48 7.85
CA GLN A 408 29.21 -10.73 8.81
C GLN A 408 28.54 -10.64 10.18
N THR A 409 27.22 -10.48 10.22
CA THR A 409 26.43 -10.36 11.47
C THR A 409 26.47 -11.69 12.23
N LYS A 410 26.25 -12.79 11.53
CA LYS A 410 26.39 -14.16 12.12
C LYS A 410 27.75 -14.24 12.79
N GLU A 411 28.79 -13.79 12.10
CA GLU A 411 30.18 -13.93 12.61
C GLU A 411 30.33 -13.08 13.86
N PHE A 412 29.89 -11.83 13.83
CA PHE A 412 30.05 -10.87 14.93
C PHE A 412 29.40 -11.41 16.19
N PHE A 413 28.20 -12.00 16.06
CA PHE A 413 27.44 -12.45 17.25
C PHE A 413 27.79 -13.88 17.65
N SER A 414 28.60 -14.63 16.91
CA SER A 414 28.90 -16.06 17.23
C SER A 414 29.86 -16.17 18.41
C1 EDO B . -21.18 7.96 9.88
O1 EDO B . -22.30 8.84 9.97
C2 EDO B . -20.49 7.83 11.17
O2 EDO B . -21.39 7.41 12.25
C1 EDO C . 5.01 -19.20 7.81
O1 EDO C . 6.28 -19.43 7.20
C2 EDO C . 5.05 -19.94 9.10
O2 EDO C . 6.20 -19.66 9.89
C1 EDO D . 1.63 -7.40 -13.13
O1 EDO D . 0.50 -6.55 -13.36
C2 EDO D . 1.24 -8.83 -12.97
O2 EDO D . 0.21 -9.00 -11.99
#